data_7F4B
#
_entry.id   7F4B
#
_cell.length_a   57.098
_cell.length_b   78.305
_cell.length_c   65.551
_cell.angle_alpha   90.000
_cell.angle_beta   106.170
_cell.angle_gamma   90.000
#
_symmetry.space_group_name_H-M   'P 1 21 1'
#
loop_
_entity.id
_entity.type
_entity.pdbx_description
1 polymer 'homoserine dehydrogenase'
2 non-polymer 'MAGNESIUM ION'
3 water water
#
_entity_poly.entity_id   1
_entity_poly.type   'polypeptide(L)'
_entity_poly.pdbx_seq_one_letter_code
;MKLLLFGYGNVGKAFRKLLHEKRSPELNDVIIGGIVTRRGIMLQDKEDFTPDLEGDVFKAFEKIKPDIIVDVSSANYNNG
EPSLSLYKEAIKDGVNIITTNKAPLALAFNEIFSLARSKGVKIGFQGTVMSGTPSINLYRVLPGSRVIKIRGILNGTTNF
ILTLMNKGVSFEEALKEAQRRGYAEEDPTLDINGFDAAAKITILANFMIGNSVTIKDVKFEGINRDLPKNEKIKLIAYAD
EKEVWVKPLPISQDDPLYNVDGVENALEITTDIQSILIRGPGAGPVNAAYGALSDLILLKRDCL
;
_entity_poly.pdbx_strand_id   A,B
#
loop_
_chem_comp.id
_chem_comp.type
_chem_comp.name
_chem_comp.formula
MG non-polymer 'MAGNESIUM ION' 'Mg 2'
#
# COMPACT_ATOMS: atom_id res chain seq x y z
N MET A 1 -26.46 -6.95 1.09
CA MET A 1 -25.65 -5.92 1.77
C MET A 1 -26.20 -4.52 1.50
N LYS A 2 -26.89 -3.97 2.49
CA LYS A 2 -27.60 -2.70 2.36
C LYS A 2 -26.72 -1.53 2.81
N LEU A 3 -26.55 -0.56 1.91
CA LEU A 3 -25.82 0.68 2.22
C LEU A 3 -26.73 1.85 2.49
N LEU A 4 -26.37 2.67 3.49
CA LEU A 4 -26.91 4.04 3.59
C LEU A 4 -25.84 5.00 3.15
N LEU A 5 -26.09 5.73 2.07
CA LEU A 5 -25.09 6.67 1.56
C LEU A 5 -25.38 8.08 2.09
N PHE A 6 -24.48 8.58 2.94
CA PHE A 6 -24.59 9.92 3.49
C PHE A 6 -23.73 10.92 2.69
N GLY A 7 -24.39 11.79 1.93
CA GLY A 7 -23.73 12.74 1.04
C GLY A 7 -23.89 12.31 -0.40
N TYR A 8 -24.00 13.27 -1.32
CA TYR A 8 -24.11 12.98 -2.76
C TYR A 8 -23.69 14.15 -3.68
N GLY A 9 -22.55 14.75 -3.41
CA GLY A 9 -21.92 15.63 -4.39
C GLY A 9 -21.23 14.75 -5.41
N ASN A 10 -20.02 15.14 -5.79
CA ASN A 10 -19.30 14.42 -6.81
C ASN A 10 -18.77 13.05 -6.33
N VAL A 11 -18.21 12.99 -5.11
CA VAL A 11 -17.68 11.73 -4.57
C VAL A 11 -18.80 10.66 -4.44
N GLY A 12 -19.94 11.06 -3.91
CA GLY A 12 -21.12 10.19 -3.81
C GLY A 12 -21.58 9.62 -5.14
N LYS A 13 -21.64 10.45 -6.18
CA LYS A 13 -22.07 10.00 -7.51
C LYS A 13 -21.04 9.04 -8.12
N ALA A 14 -19.76 9.44 -8.04
CA ALA A 14 -18.64 8.59 -8.47
C ALA A 14 -18.63 7.22 -7.76
N PHE A 15 -18.94 7.20 -6.46
CA PHE A 15 -19.07 5.96 -5.72
C PHE A 15 -20.19 5.07 -6.26
N ARG A 16 -21.37 5.66 -6.44
CA ARG A 16 -22.49 4.96 -7.03
C ARG A 16 -22.13 4.33 -8.39
N LYS A 17 -21.45 5.10 -9.24
CA LYS A 17 -20.99 4.63 -10.55
C LYS A 17 -20.02 3.44 -10.48
N LEU A 18 -18.94 3.58 -9.70
CA LEU A 18 -17.97 2.48 -9.52
C LEU A 18 -18.64 1.18 -9.10
N LEU A 19 -19.54 1.30 -8.13
CA LEU A 19 -20.28 0.18 -7.57
C LEU A 19 -21.10 -0.55 -8.63
N HIS A 20 -21.69 0.23 -9.53
CA HIS A 20 -22.53 -0.31 -10.61
C HIS A 20 -21.73 -0.79 -11.84
N GLU A 21 -20.42 -0.57 -11.82
CA GLU A 21 -19.50 -1.08 -12.86
C GLU A 21 -19.04 -2.52 -12.58
N LYS A 22 -19.53 -3.09 -11.48
CA LYS A 22 -19.33 -4.49 -11.08
C LYS A 22 -17.88 -4.98 -11.19
N ARG A 23 -16.99 -4.21 -10.58
CA ARG A 23 -15.56 -4.40 -10.67
C ARG A 23 -15.06 -5.56 -9.82
N SER A 24 -15.96 -6.15 -9.03
CA SER A 24 -15.69 -7.25 -8.11
C SER A 24 -16.96 -8.07 -7.83
N PRO A 25 -16.82 -9.42 -7.76
CA PRO A 25 -17.92 -10.31 -7.39
C PRO A 25 -18.43 -10.15 -5.95
N GLU A 26 -17.54 -9.73 -5.06
CA GLU A 26 -17.92 -9.40 -3.67
C GLU A 26 -19.00 -8.30 -3.60
N LEU A 27 -19.28 -7.65 -4.74
CA LEU A 27 -20.24 -6.54 -4.76
C LEU A 27 -21.59 -6.85 -5.41
N ASN A 28 -21.86 -8.14 -5.67
CA ASN A 28 -23.09 -8.59 -6.34
C ASN A 28 -24.39 -8.40 -5.55
N ASP A 29 -24.26 -8.53 -4.23
CA ASP A 29 -25.39 -8.45 -3.30
C ASP A 29 -25.54 -7.05 -2.68
N VAL A 30 -24.82 -6.07 -3.22
CA VAL A 30 -24.83 -4.75 -2.60
C VAL A 30 -25.98 -3.91 -3.12
N ILE A 31 -26.83 -3.44 -2.21
CA ILE A 31 -27.94 -2.54 -2.55
C ILE A 31 -27.78 -1.19 -1.84
N ILE A 32 -28.26 -0.15 -2.51
CA ILE A 32 -28.34 1.19 -1.90
C ILE A 32 -29.76 1.39 -1.38
N GLY A 33 -29.90 1.25 -0.07
CA GLY A 33 -31.19 1.44 0.58
C GLY A 33 -31.64 2.88 0.61
N GLY A 34 -30.67 3.79 0.71
CA GLY A 34 -30.93 5.22 0.66
C GLY A 34 -29.72 6.11 0.49
N ILE A 35 -29.99 7.36 0.12
CA ILE A 35 -29.00 8.41 0.00
C ILE A 35 -29.55 9.65 0.67
N VAL A 36 -28.74 10.24 1.57
CA VAL A 36 -29.15 11.43 2.34
C VAL A 36 -28.24 12.64 2.07
N THR A 37 -28.88 13.75 1.71
CA THR A 37 -28.21 15.05 1.51
C THR A 37 -29.02 16.12 2.23
N ARG A 38 -28.48 17.34 2.20
CA ARG A 38 -29.10 18.56 2.74
C ARG A 38 -30.53 18.77 2.22
N ARG A 39 -30.82 18.22 1.04
CA ARG A 39 -32.11 18.38 0.39
C ARG A 39 -33.11 17.27 0.72
N GLY A 40 -32.75 16.37 1.63
CA GLY A 40 -33.67 15.30 2.07
C GLY A 40 -33.16 13.88 1.90
N ILE A 41 -34.10 12.93 1.85
CA ILE A 41 -33.81 11.50 1.78
C ILE A 41 -34.41 10.91 0.52
N MET A 42 -33.57 10.17 -0.21
CA MET A 42 -33.99 9.38 -1.35
C MET A 42 -33.85 7.91 -0.98
N LEU A 43 -34.98 7.20 -1.00
CA LEU A 43 -35.03 5.79 -0.60
C LEU A 43 -34.76 4.85 -1.79
N GLN A 44 -34.22 5.43 -2.87
CA GLN A 44 -34.03 4.76 -4.14
C GLN A 44 -32.58 4.91 -4.60
N ASP A 45 -32.16 3.98 -5.45
CA ASP A 45 -30.83 4.00 -6.08
C ASP A 45 -30.94 4.54 -7.50
N LYS A 46 -30.84 5.87 -7.63
CA LYS A 46 -30.87 6.51 -8.94
C LYS A 46 -29.66 7.42 -9.08
N GLU A 47 -29.33 7.75 -10.32
CA GLU A 47 -28.14 8.53 -10.62
C GLU A 47 -28.26 9.95 -10.08
N ASP A 48 -29.44 10.56 -10.31
CA ASP A 48 -29.72 11.91 -9.83
C ASP A 48 -30.50 11.90 -8.52
N PHE A 49 -30.15 12.84 -7.66
CA PHE A 49 -30.78 12.93 -6.37
C PHE A 49 -32.09 13.68 -6.45
N THR A 50 -33.17 12.99 -6.13
CA THR A 50 -34.49 13.57 -5.93
C THR A 50 -34.95 13.04 -4.59
N PRO A 51 -35.13 13.92 -3.59
CA PRO A 51 -35.61 13.43 -2.29
C PRO A 51 -37.02 12.85 -2.38
N ASP A 52 -37.26 11.78 -1.62
CA ASP A 52 -38.58 11.18 -1.44
C ASP A 52 -39.27 11.65 -0.16
N LEU A 53 -38.46 12.04 0.83
CA LEU A 53 -38.95 12.45 2.14
C LEU A 53 -38.11 13.60 2.64
N GLU A 54 -38.68 14.40 3.55
CA GLU A 54 -37.93 15.40 4.32
C GLU A 54 -37.18 14.68 5.43
N GLY A 55 -36.03 15.21 5.86
CA GLY A 55 -35.34 14.61 7.00
C GLY A 55 -33.83 14.51 6.89
N ASP A 56 -33.20 14.34 8.06
CA ASP A 56 -31.76 14.28 8.21
C ASP A 56 -31.26 12.83 8.16
N VAL A 57 -29.96 12.66 8.36
CA VAL A 57 -29.32 11.33 8.40
C VAL A 57 -29.83 10.39 9.50
N PHE A 58 -30.21 10.93 10.67
CA PHE A 58 -30.71 10.10 11.78
C PHE A 58 -32.04 9.41 11.40
N LYS A 59 -32.96 10.19 10.84
CA LYS A 59 -34.23 9.67 10.33
C LYS A 59 -34.02 8.58 9.25
N ALA A 60 -33.13 8.85 8.30
CA ALA A 60 -32.78 7.91 7.23
C ALA A 60 -32.24 6.60 7.82
N PHE A 61 -31.31 6.71 8.77
CA PHE A 61 -30.73 5.54 9.43
C PHE A 61 -31.75 4.65 10.14
N GLU A 62 -32.66 5.29 10.87
CA GLU A 62 -33.71 4.59 11.58
C GLU A 62 -34.70 3.91 10.64
N LYS A 63 -35.02 4.56 9.52
CA LYS A 63 -35.97 4.02 8.53
C LYS A 63 -35.42 2.91 7.61
N ILE A 64 -34.13 2.95 7.32
CA ILE A 64 -33.51 2.09 6.29
C ILE A 64 -32.97 0.81 6.93
N LYS A 65 -32.47 0.96 8.16
CA LYS A 65 -31.68 -0.05 8.87
C LYS A 65 -30.58 -0.68 7.98
N PRO A 66 -29.55 0.10 7.58
CA PRO A 66 -28.53 -0.43 6.69
C PRO A 66 -27.59 -1.38 7.40
N ASP A 67 -26.79 -2.08 6.62
CA ASP A 67 -25.74 -2.93 7.15
C ASP A 67 -24.47 -2.11 7.25
N ILE A 68 -24.36 -1.09 6.39
CA ILE A 68 -23.16 -0.24 6.27
C ILE A 68 -23.63 1.16 6.01
N ILE A 69 -23.00 2.11 6.68
CA ILE A 69 -23.09 3.52 6.31
C ILE A 69 -21.85 3.90 5.49
N VAL A 70 -22.08 4.40 4.27
CA VAL A 70 -21.02 5.05 3.50
C VAL A 70 -21.12 6.58 3.67
N ASP A 71 -20.18 7.14 4.46
CA ASP A 71 -20.13 8.56 4.75
C ASP A 71 -19.18 9.35 3.82
N VAL A 72 -19.77 9.99 2.82
CA VAL A 72 -19.03 10.90 1.92
C VAL A 72 -19.44 12.39 2.07
N SER A 73 -20.02 12.72 3.22
CA SER A 73 -20.44 14.11 3.52
C SER A 73 -19.24 15.02 3.87
N SER A 74 -19.46 16.34 3.80
CA SER A 74 -18.43 17.36 4.14
C SER A 74 -17.98 17.37 5.62
N ALA A 75 -16.67 17.55 5.83
CA ALA A 75 -16.10 17.61 7.18
C ALA A 75 -16.57 18.86 7.93
N ASN A 76 -17.13 18.64 9.11
CA ASN A 76 -17.47 19.72 10.01
C ASN A 76 -16.50 19.62 11.21
N TYR A 77 -15.50 20.50 11.23
CA TYR A 77 -14.44 20.43 12.25
C TYR A 77 -14.79 21.07 13.60
N ASN A 78 -15.90 21.82 13.65
CA ASN A 78 -16.38 22.40 14.91
C ASN A 78 -16.68 21.37 16.00
N ASN A 79 -17.34 20.27 15.59
CA ASN A 79 -17.74 19.21 16.52
C ASN A 79 -17.94 17.81 15.86
N GLY A 80 -17.66 17.69 14.55
CA GLY A 80 -17.76 16.39 13.85
C GLY A 80 -19.19 15.90 13.56
N GLU A 81 -20.21 16.71 13.88
CA GLU A 81 -21.62 16.28 13.77
C GLU A 81 -22.23 16.56 12.41
N PRO A 82 -23.27 15.83 11.99
CA PRO A 82 -23.92 14.73 12.74
C PRO A 82 -23.21 13.37 12.63
N SER A 83 -22.13 13.31 11.85
CA SER A 83 -21.41 12.07 11.60
C SER A 83 -20.88 11.38 12.85
N LEU A 84 -20.37 12.16 13.81
CA LEU A 84 -19.78 11.57 15.01
C LEU A 84 -20.80 10.74 15.87
N SER A 85 -21.93 11.34 16.21
CA SER A 85 -22.93 10.61 16.99
C SER A 85 -23.61 9.54 16.14
N LEU A 86 -23.71 9.77 14.83
CA LEU A 86 -24.17 8.75 13.88
C LEU A 86 -23.26 7.52 13.87
N TYR A 87 -21.95 7.72 13.93
CA TYR A 87 -21.04 6.58 13.94
C TYR A 87 -21.18 5.82 15.27
N LYS A 88 -21.19 6.55 16.40
CA LYS A 88 -21.32 5.93 17.72
C LYS A 88 -22.56 5.03 17.75
N GLU A 89 -23.71 5.57 17.37
CA GLU A 89 -24.96 4.78 17.35
C GLU A 89 -24.97 3.57 16.41
N ALA A 90 -24.43 3.75 15.20
CA ALA A 90 -24.33 2.66 14.22
C ALA A 90 -23.49 1.50 14.72
N ILE A 91 -22.32 1.80 15.29
CA ILE A 91 -21.39 0.80 15.85
C ILE A 91 -22.08 -0.04 16.95
N LYS A 92 -22.79 0.63 17.85
CA LYS A 92 -23.64 -0.01 18.88
C LYS A 92 -24.71 -0.95 18.29
N ASP A 93 -25.20 -0.61 17.09
CA ASP A 93 -26.13 -1.46 16.34
C ASP A 93 -25.45 -2.54 15.51
N GLY A 94 -24.12 -2.61 15.57
CA GLY A 94 -23.37 -3.54 14.73
C GLY A 94 -23.38 -3.16 13.25
N VAL A 95 -23.57 -1.87 12.98
CA VAL A 95 -23.51 -1.33 11.62
C VAL A 95 -22.07 -0.87 11.30
N ASN A 96 -21.50 -1.45 10.24
CA ASN A 96 -20.20 -1.02 9.73
C ASN A 96 -20.21 0.40 9.16
N ILE A 97 -19.05 1.06 9.22
CA ILE A 97 -18.87 2.41 8.72
C ILE A 97 -17.76 2.46 7.69
N ILE A 98 -18.07 3.04 6.52
CA ILE A 98 -17.05 3.41 5.53
C ILE A 98 -17.09 4.93 5.34
N THR A 99 -15.95 5.58 5.59
CA THR A 99 -15.93 7.03 5.54
C THR A 99 -14.78 7.64 4.74
N THR A 100 -15.11 8.78 4.10
CA THR A 100 -14.13 9.73 3.58
C THR A 100 -14.21 11.03 4.40
N ASN A 101 -15.14 11.09 5.35
CA ASN A 101 -15.34 12.29 6.18
C ASN A 101 -14.34 12.32 7.38
N LYS A 102 -13.38 13.22 7.28
CA LYS A 102 -12.26 13.29 8.20
C LYS A 102 -12.58 13.73 9.62
N ALA A 103 -13.59 14.60 9.76
CA ALA A 103 -13.82 15.30 11.01
C ALA A 103 -14.00 14.41 12.26
N PRO A 104 -14.82 13.34 12.20
CA PRO A 104 -15.04 12.55 13.44
C PRO A 104 -13.81 11.80 13.93
N LEU A 105 -13.01 11.31 13.00
CA LEU A 105 -11.76 10.63 13.33
C LEU A 105 -10.67 11.62 13.78
N ALA A 106 -10.74 12.85 13.25
CA ALA A 106 -9.80 13.91 13.65
C ALA A 106 -10.07 14.47 15.05
N LEU A 107 -11.32 14.29 15.50
CA LEU A 107 -11.82 14.83 16.77
C LEU A 107 -11.94 13.77 17.85
N ALA A 108 -12.30 12.54 17.46
CA ALA A 108 -12.70 11.50 18.41
C ALA A 108 -12.26 10.09 17.99
N PHE A 109 -11.04 9.97 17.47
CA PHE A 109 -10.55 8.66 16.96
C PHE A 109 -10.66 7.56 18.01
N ASN A 110 -10.06 7.79 19.17
CA ASN A 110 -10.01 6.80 20.24
C ASN A 110 -11.39 6.45 20.74
N GLU A 111 -12.24 7.44 20.95
CA GLU A 111 -13.65 7.21 21.29
C GLU A 111 -14.37 6.30 20.25
N ILE A 112 -14.08 6.51 18.97
CA ILE A 112 -14.76 5.77 17.89
C ILE A 112 -14.23 4.34 17.80
N PHE A 113 -12.91 4.21 17.68
CA PHE A 113 -12.28 2.91 17.49
C PHE A 113 -12.37 1.95 18.70
N SER A 114 -12.35 2.48 19.92
CA SER A 114 -12.50 1.64 21.14
C SER A 114 -13.84 0.93 21.17
N LEU A 115 -14.88 1.74 20.96
CA LEU A 115 -16.25 1.29 20.86
C LEU A 115 -16.45 0.31 19.69
N ALA A 116 -15.80 0.58 18.55
CA ALA A 116 -15.86 -0.29 17.40
C ALA A 116 -15.16 -1.60 17.73
N ARG A 117 -13.96 -1.50 18.31
CA ARG A 117 -13.23 -2.66 18.81
C ARG A 117 -14.04 -3.49 19.80
N SER A 118 -14.79 -2.83 20.69
CA SER A 118 -15.56 -3.57 21.71
C SER A 118 -16.76 -4.31 21.13
N LYS A 119 -17.27 -3.84 19.98
CA LYS A 119 -18.44 -4.44 19.37
C LYS A 119 -18.13 -5.27 18.13
N GLY A 120 -16.83 -5.40 17.83
CA GLY A 120 -16.35 -6.15 16.67
C GLY A 120 -16.82 -5.57 15.34
N VAL A 121 -17.06 -4.27 15.32
CA VAL A 121 -17.51 -3.56 14.13
C VAL A 121 -16.30 -3.05 13.35
N LYS A 122 -16.41 -3.04 12.01
CA LYS A 122 -15.28 -2.63 11.16
C LYS A 122 -15.48 -1.24 10.59
N ILE A 123 -14.40 -0.47 10.58
CA ILE A 123 -14.41 0.89 10.01
C ILE A 123 -13.44 0.98 8.86
N GLY A 124 -13.97 1.19 7.67
CA GLY A 124 -13.16 1.57 6.52
C GLY A 124 -12.92 3.06 6.55
N PHE A 125 -11.67 3.47 6.41
CA PHE A 125 -11.38 4.91 6.38
C PHE A 125 -10.26 5.35 5.46
N GLN A 126 -9.97 4.54 4.44
CA GLN A 126 -8.93 4.82 3.43
C GLN A 126 -9.15 6.19 2.81
N GLY A 127 -10.37 6.42 2.34
CA GLY A 127 -10.77 7.70 1.77
C GLY A 127 -10.50 8.97 2.56
N THR A 128 -10.26 8.87 3.87
CA THR A 128 -9.85 10.06 4.68
C THR A 128 -8.43 10.61 4.40
N VAL A 129 -7.54 9.81 3.83
CA VAL A 129 -6.14 10.23 3.63
C VAL A 129 -5.64 9.77 2.27
N MET A 130 -5.27 10.74 1.44
CA MET A 130 -4.71 10.49 0.10
C MET A 130 -5.67 9.71 -0.83
N SER A 131 -6.97 9.88 -0.56
CA SER A 131 -8.08 9.37 -1.40
C SER A 131 -7.98 7.88 -1.74
N GLY A 132 -7.72 7.57 -3.01
CA GLY A 132 -7.61 6.18 -3.48
C GLY A 132 -6.20 5.59 -3.40
N THR A 133 -5.22 6.41 -3.01
CA THR A 133 -3.84 5.97 -2.86
C THR A 133 -3.68 5.33 -1.48
N PRO A 134 -3.42 3.99 -1.42
CA PRO A 134 -3.38 3.26 -0.13
C PRO A 134 -2.51 3.98 0.88
N SER A 135 -3.07 4.24 2.05
CA SER A 135 -2.38 4.99 3.08
C SER A 135 -2.74 4.31 4.38
N ILE A 136 -4.03 4.33 4.70
CA ILE A 136 -4.64 3.54 5.77
C ILE A 136 -4.50 2.06 5.42
N ASN A 137 -4.89 1.74 4.18
CA ASN A 137 -4.86 0.38 3.67
C ASN A 137 -3.44 -0.14 3.36
N LEU A 138 -2.48 0.77 3.10
CA LEU A 138 -1.08 0.36 3.02
C LEU A 138 -0.61 -0.19 4.39
N TYR A 139 -0.97 0.50 5.47
CA TYR A 139 -0.55 0.10 6.82
C TYR A 139 -1.14 -1.26 7.19
N ARG A 140 -2.34 -1.53 6.69
CA ARG A 140 -2.97 -2.84 6.87
C ARG A 140 -2.12 -4.02 6.35
N VAL A 141 -1.32 -3.75 5.31
CA VAL A 141 -0.45 -4.79 4.73
C VAL A 141 0.99 -4.66 5.22
N LEU A 142 1.15 -3.86 6.28
CA LEU A 142 2.41 -3.84 7.06
C LEU A 142 2.18 -4.26 8.53
N PRO A 143 1.61 -5.48 8.75
CA PRO A 143 1.31 -5.86 10.13
C PRO A 143 2.59 -6.17 10.89
N GLY A 144 2.60 -5.85 12.18
CA GLY A 144 3.78 -6.08 13.00
C GLY A 144 4.93 -5.12 12.80
N SER A 145 4.76 -4.10 11.94
CA SER A 145 5.76 -3.03 11.92
C SER A 145 5.36 -1.94 12.89
N ARG A 146 6.37 -1.37 13.52
CA ARG A 146 6.20 -0.32 14.50
C ARG A 146 6.62 0.96 13.81
N VAL A 147 5.67 1.90 13.70
CA VAL A 147 5.89 3.13 12.95
C VAL A 147 6.59 4.13 13.86
N ILE A 148 7.66 4.72 13.34
CA ILE A 148 8.50 5.65 14.09
C ILE A 148 8.09 7.09 13.74
N LYS A 149 8.01 7.37 12.45
CA LYS A 149 7.65 8.70 12.01
C LYS A 149 6.97 8.67 10.66
N ILE A 150 6.10 9.64 10.44
CA ILE A 150 5.46 9.81 9.15
C ILE A 150 5.68 11.23 8.70
N ARG A 151 5.79 11.41 7.39
CA ARG A 151 5.97 12.72 6.80
C ARG A 151 5.38 12.71 5.40
N GLY A 152 4.61 13.73 5.06
CA GLY A 152 4.08 13.83 3.71
C GLY A 152 3.35 15.10 3.26
N ILE A 153 2.95 15.08 2.00
CA ILE A 153 2.08 16.08 1.40
C ILE A 153 0.70 15.46 1.37
N LEU A 154 -0.21 16.03 2.17
CA LEU A 154 -1.51 15.40 2.41
C LEU A 154 -2.76 16.14 1.84
N ASN A 155 -2.55 17.28 1.18
CA ASN A 155 -3.65 18.11 0.65
C ASN A 155 -3.46 18.41 -0.84
N GLY A 156 -4.36 17.86 -1.66
CA GLY A 156 -4.31 18.04 -3.13
C GLY A 156 -4.40 19.48 -3.62
N THR A 157 -5.37 20.23 -3.10
CA THR A 157 -5.61 21.65 -3.43
C THR A 157 -4.41 22.59 -3.20
N THR A 158 -3.80 22.53 -2.01
CA THR A 158 -2.63 23.37 -1.71
C THR A 158 -1.38 22.94 -2.47
N ASN A 159 -1.24 21.63 -2.72
CA ASN A 159 -0.15 21.16 -3.55
C ASN A 159 -0.24 21.68 -4.99
N PHE A 160 -1.45 21.65 -5.56
CA PHE A 160 -1.70 22.18 -6.91
C PHE A 160 -1.39 23.69 -6.96
N ILE A 161 -1.81 24.40 -5.91
CA ILE A 161 -1.55 25.84 -5.76
C ILE A 161 -0.06 26.18 -5.64
N LEU A 162 0.65 25.50 -4.73
CA LEU A 162 2.09 25.72 -4.54
C LEU A 162 2.95 25.27 -5.73
N THR A 163 2.45 24.27 -6.47
CA THR A 163 3.04 23.83 -7.75
C THR A 163 2.93 24.95 -8.81
N LEU A 164 1.74 25.55 -8.93
CA LEU A 164 1.53 26.66 -9.87
C LEU A 164 2.35 27.91 -9.46
N MET A 165 2.48 28.13 -8.15
CA MET A 165 3.25 29.26 -7.62
C MET A 165 4.75 29.13 -7.89
N ASN A 166 5.24 27.89 -7.90
CA ASN A 166 6.60 27.58 -8.34
C ASN A 166 6.84 27.85 -9.83
N LYS A 167 5.76 27.89 -10.63
CA LYS A 167 5.77 28.16 -12.10
C LYS A 167 5.53 29.63 -12.51
N GLY A 168 5.47 30.56 -11.56
CA GLY A 168 5.20 31.98 -11.85
C GLY A 168 3.73 32.40 -11.99
N VAL A 169 2.81 31.55 -11.53
CA VAL A 169 1.40 31.91 -11.35
C VAL A 169 1.25 32.47 -9.92
N SER A 170 0.50 33.56 -9.76
CA SER A 170 0.25 34.14 -8.42
C SER A 170 -0.69 33.29 -7.57
N PHE A 171 -0.60 33.44 -6.24
CA PHE A 171 -1.47 32.75 -5.29
C PHE A 171 -2.95 32.85 -5.69
N GLU A 172 -3.35 34.06 -6.07
CA GLU A 172 -4.74 34.38 -6.41
C GLU A 172 -5.19 33.63 -7.66
N GLU A 173 -4.35 33.63 -8.69
CA GLU A 173 -4.65 32.96 -9.96
C GLU A 173 -4.63 31.42 -9.83
N ALA A 174 -3.72 30.91 -9.01
CA ALA A 174 -3.64 29.48 -8.72
C ALA A 174 -4.84 29.00 -7.88
N LEU A 175 -5.35 29.91 -7.04
CA LEU A 175 -6.58 29.72 -6.26
C LEU A 175 -7.79 29.55 -7.16
N LYS A 176 -8.00 30.51 -8.06
CA LYS A 176 -9.16 30.53 -8.98
C LYS A 176 -9.14 29.35 -9.94
N GLU A 177 -7.94 28.93 -10.31
CA GLU A 177 -7.74 27.76 -11.17
C GLU A 177 -8.05 26.44 -10.46
N ALA A 178 -7.71 26.34 -9.18
CA ALA A 178 -8.08 25.18 -8.34
C ALA A 178 -9.60 25.09 -8.12
N GLN A 179 -10.27 26.25 -8.11
CA GLN A 179 -11.73 26.31 -7.94
C GLN A 179 -12.49 25.97 -9.22
N ARG A 180 -12.09 26.59 -10.34
CA ARG A 180 -12.60 26.25 -11.68
C ARG A 180 -12.55 24.74 -11.91
N ARG A 181 -11.45 24.12 -11.45
CA ARG A 181 -11.23 22.67 -11.55
C ARG A 181 -11.97 21.83 -10.50
N GLY A 182 -12.54 22.49 -9.49
CA GLY A 182 -13.36 21.82 -8.49
C GLY A 182 -12.63 21.34 -7.24
N TYR A 183 -11.30 21.26 -7.32
CA TYR A 183 -10.45 20.84 -6.18
C TYR A 183 -10.68 21.68 -4.93
N ALA A 184 -10.89 22.99 -5.11
CA ALA A 184 -11.20 23.91 -4.02
C ALA A 184 -12.64 24.41 -4.13
N GLU A 185 -13.31 24.52 -2.98
CA GLU A 185 -14.66 25.07 -2.90
C GLU A 185 -14.63 26.62 -2.99
N GLU A 186 -15.79 27.24 -3.21
CA GLU A 186 -15.94 28.71 -3.24
C GLU A 186 -15.37 29.37 -1.99
N ASP A 187 -15.49 28.67 -0.86
CA ASP A 187 -14.77 28.95 0.39
C ASP A 187 -13.74 27.81 0.55
N PRO A 188 -12.45 28.13 0.31
CA PRO A 188 -11.39 27.11 0.37
C PRO A 188 -10.64 27.01 1.71
N THR A 189 -11.20 27.62 2.77
CA THR A 189 -10.59 27.70 4.10
C THR A 189 -9.91 26.40 4.57
N LEU A 190 -10.63 25.29 4.54
CA LEU A 190 -10.13 24.01 5.11
C LEU A 190 -8.83 23.55 4.46
N ASP A 191 -8.77 23.72 3.13
CA ASP A 191 -7.55 23.50 2.36
C ASP A 191 -6.46 24.52 2.74
N ILE A 192 -6.70 25.81 2.42
CA ILE A 192 -5.67 26.89 2.47
C ILE A 192 -5.22 27.28 3.88
N ASN A 193 -6.10 27.14 4.88
CA ASN A 193 -5.72 27.28 6.29
C ASN A 193 -5.17 26.00 6.94
N GLY A 194 -5.07 24.94 6.15
CA GLY A 194 -4.41 23.72 6.56
C GLY A 194 -5.18 22.76 7.45
N PHE A 195 -6.49 22.98 7.62
CA PHE A 195 -7.32 22.12 8.47
C PHE A 195 -7.31 20.68 7.96
N ASP A 196 -7.46 20.54 6.65
CA ASP A 196 -7.55 19.25 5.99
C ASP A 196 -6.30 18.41 6.20
N ALA A 197 -5.12 18.98 5.92
CA ALA A 197 -3.84 18.32 6.19
C ALA A 197 -3.67 17.90 7.67
N ALA A 198 -4.05 18.81 8.57
CA ALA A 198 -3.97 18.61 10.02
C ALA A 198 -4.90 17.49 10.49
N ALA A 199 -6.08 17.40 9.85
CA ALA A 199 -7.04 16.33 10.08
C ALA A 199 -6.41 14.98 9.72
N LYS A 200 -5.78 14.94 8.54
CA LYS A 200 -5.16 13.74 8.00
C LYS A 200 -3.99 13.26 8.85
N ILE A 201 -3.07 14.15 9.20
CA ILE A 201 -1.96 13.76 10.07
C ILE A 201 -2.42 13.29 11.47
N THR A 202 -3.50 13.87 11.98
CA THR A 202 -4.15 13.43 13.23
C THR A 202 -4.59 11.98 13.14
N ILE A 203 -5.27 11.63 12.04
CA ILE A 203 -5.79 10.29 11.79
C ILE A 203 -4.62 9.28 11.68
N LEU A 204 -3.56 9.70 11.02
CA LEU A 204 -2.42 8.88 10.75
C LEU A 204 -1.61 8.64 12.02
N ALA A 205 -1.43 9.69 12.83
CA ALA A 205 -0.76 9.58 14.12
C ALA A 205 -1.52 8.64 15.02
N ASN A 206 -2.85 8.77 15.04
CA ASN A 206 -3.71 7.85 15.77
C ASN A 206 -3.54 6.39 15.33
N PHE A 207 -3.75 6.12 14.04
CA PHE A 207 -3.79 4.76 13.49
C PHE A 207 -2.42 4.07 13.38
N MET A 208 -1.42 4.81 12.92
CA MET A 208 -0.10 4.27 12.66
C MET A 208 0.83 4.33 13.87
N ILE A 209 0.98 5.50 14.49
CA ILE A 209 1.82 5.60 15.69
C ILE A 209 1.11 4.96 16.89
N GLY A 210 -0.11 5.41 17.17
CA GLY A 210 -0.82 4.98 18.37
C GLY A 210 -0.83 6.09 19.39
N ASN A 211 -0.48 7.30 18.94
CA ASN A 211 -0.70 8.53 19.67
C ASN A 211 -2.20 8.73 19.83
N SER A 212 -2.60 9.17 21.02
CA SER A 212 -4.00 9.40 21.39
C SER A 212 -4.48 10.84 21.08
N VAL A 213 -4.18 11.33 19.88
CA VAL A 213 -4.29 12.76 19.54
C VAL A 213 -5.61 13.21 18.89
N THR A 214 -5.98 14.49 19.10
CA THR A 214 -7.07 15.13 18.34
C THR A 214 -6.44 16.26 17.51
N ILE A 215 -7.22 16.84 16.60
CA ILE A 215 -6.76 17.99 15.77
C ILE A 215 -6.33 19.21 16.63
N LYS A 216 -6.80 19.25 17.88
CA LYS A 216 -6.46 20.33 18.83
C LYS A 216 -4.98 20.32 19.20
N ASP A 217 -4.41 19.12 19.30
CA ASP A 217 -3.00 18.92 19.65
C ASP A 217 -2.00 19.29 18.52
N VAL A 218 -2.52 19.48 17.30
CA VAL A 218 -1.70 19.75 16.11
C VAL A 218 -1.41 21.23 15.96
N LYS A 219 -0.12 21.56 15.97
CA LYS A 219 0.34 22.89 15.64
C LYS A 219 0.40 23.01 14.11
N PHE A 220 -0.51 23.79 13.54
CA PHE A 220 -0.59 23.92 12.09
C PHE A 220 -0.77 25.33 11.53
N GLU A 221 -0.26 25.50 10.32
CA GLU A 221 -0.44 26.72 9.52
C GLU A 221 -0.79 26.29 8.10
N GLY A 222 -1.52 27.13 7.39
CA GLY A 222 -1.84 26.87 6.01
C GLY A 222 -0.97 27.69 5.08
N ILE A 223 -1.47 27.95 3.89
CA ILE A 223 -0.71 28.73 2.92
C ILE A 223 -1.23 30.18 2.76
N ASN A 224 -0.29 31.09 2.48
CA ASN A 224 -0.49 32.52 2.19
C ASN A 224 0.79 33.07 1.57
N ARG A 225 0.67 33.92 0.55
CA ARG A 225 1.83 34.36 -0.25
C ARG A 225 2.85 35.29 0.46
N ASP A 226 3.21 34.94 1.70
CA ASP A 226 4.40 35.45 2.38
C ASP A 226 5.40 34.28 2.57
N LEU A 227 5.65 33.57 1.47
CA LEU A 227 6.47 32.36 1.43
C LEU A 227 7.83 32.61 0.72
N PRO A 228 8.90 31.88 1.14
CA PRO A 228 10.30 32.04 0.71
C PRO A 228 10.62 32.42 -0.74
N LYS A 229 11.70 33.17 -0.88
CA LYS A 229 12.21 33.62 -2.17
C LYS A 229 13.04 32.53 -2.83
N ASN A 230 12.66 32.19 -4.06
CA ASN A 230 13.33 31.20 -4.92
C ASN A 230 13.42 29.77 -4.34
N GLU A 231 12.33 29.33 -3.71
CA GLU A 231 12.19 27.95 -3.25
C GLU A 231 10.91 27.28 -3.80
N LYS A 232 10.97 25.95 -3.93
CA LYS A 232 9.79 25.12 -4.10
C LYS A 232 9.25 24.78 -2.72
N ILE A 233 8.07 25.34 -2.41
CA ILE A 233 7.40 25.17 -1.10
C ILE A 233 6.39 24.01 -1.13
N LYS A 234 6.40 23.23 -0.05
CA LYS A 234 5.41 22.17 0.16
C LYS A 234 4.81 22.23 1.56
N LEU A 235 3.49 22.00 1.62
CA LEU A 235 2.79 21.93 2.88
C LEU A 235 3.09 20.55 3.44
N ILE A 236 4.00 20.51 4.41
CA ILE A 236 4.51 19.27 4.96
C ILE A 236 3.77 18.94 6.24
N ALA A 237 3.23 17.72 6.31
CA ALA A 237 2.63 17.19 7.52
C ALA A 237 3.55 16.16 8.17
N TYR A 238 3.78 16.32 9.47
CA TYR A 238 4.70 15.50 10.22
C TYR A 238 4.09 14.98 11.51
N ALA A 239 4.41 13.73 11.84
CA ALA A 239 4.10 13.17 13.15
C ALA A 239 5.10 12.11 13.58
N ASP A 240 5.49 12.15 14.86
CA ASP A 240 6.14 11.02 15.52
C ASP A 240 5.49 10.78 16.90
N GLU A 241 6.20 10.05 17.78
CA GLU A 241 5.74 9.77 19.15
C GLU A 241 5.52 11.03 19.99
N LYS A 242 6.27 12.09 19.68
CA LYS A 242 6.36 13.29 20.53
C LYS A 242 5.64 14.51 19.97
N GLU A 243 5.69 14.70 18.65
CA GLU A 243 5.05 15.85 18.03
C GLU A 243 4.23 15.51 16.78
N VAL A 244 3.28 16.39 16.47
CA VAL A 244 2.49 16.32 15.25
C VAL A 244 2.28 17.76 14.77
N TRP A 245 2.64 18.04 13.52
CA TRP A 245 2.47 19.41 12.97
C TRP A 245 2.33 19.47 11.46
N VAL A 246 1.86 20.62 10.98
CA VAL A 246 1.71 20.95 9.54
C VAL A 246 2.19 22.38 9.29
N LYS A 247 3.18 22.54 8.42
CA LYS A 247 3.66 23.88 8.03
C LYS A 247 4.21 23.87 6.61
N PRO A 248 4.09 25.01 5.89
CA PRO A 248 4.67 25.10 4.55
C PRO A 248 6.17 25.34 4.64
N LEU A 249 6.95 24.46 4.01
CA LEU A 249 8.41 24.52 4.10
C LEU A 249 9.10 24.51 2.74
N PRO A 250 10.31 25.13 2.65
CA PRO A 250 11.21 25.00 1.49
C PRO A 250 11.72 23.58 1.34
N ILE A 251 11.59 23.03 0.13
CA ILE A 251 12.02 21.65 -0.13
C ILE A 251 13.27 21.63 -1.01
N SER A 252 14.26 20.84 -0.62
CA SER A 252 15.47 20.68 -1.42
C SER A 252 15.32 19.54 -2.45
N GLN A 253 16.12 19.63 -3.52
CA GLN A 253 16.03 18.71 -4.68
C GLN A 253 16.31 17.23 -4.36
N ASP A 254 17.06 16.99 -3.28
CA ASP A 254 17.37 15.63 -2.82
C ASP A 254 16.23 14.93 -2.03
N ASP A 255 15.27 15.73 -1.56
CA ASP A 255 14.08 15.25 -0.85
C ASP A 255 13.18 14.45 -1.81
N PRO A 256 12.82 13.22 -1.42
CA PRO A 256 11.89 12.38 -2.22
C PRO A 256 10.50 12.99 -2.43
N LEU A 257 10.25 14.15 -1.81
CA LEU A 257 8.96 14.87 -1.92
C LEU A 257 9.00 16.06 -2.89
N TYR A 258 10.21 16.47 -3.28
CA TYR A 258 10.42 17.65 -4.13
C TYR A 258 9.57 17.67 -5.40
N ASN A 259 9.39 16.51 -6.03
CA ASN A 259 8.69 16.41 -7.31
C ASN A 259 7.25 15.88 -7.21
N VAL A 260 6.72 15.82 -5.99
CA VAL A 260 5.31 15.46 -5.74
C VAL A 260 4.51 16.75 -5.97
N ASP A 261 3.92 16.85 -7.16
CA ASP A 261 3.37 18.10 -7.68
C ASP A 261 1.94 17.96 -8.17
N GLY A 262 1.26 19.09 -8.38
CA GLY A 262 -0.15 19.10 -8.79
C GLY A 262 -1.04 18.62 -7.65
N VAL A 263 -2.04 17.79 -7.98
CA VAL A 263 -2.91 17.17 -6.97
C VAL A 263 -2.32 15.88 -6.34
N GLU A 264 -1.09 15.55 -6.76
CA GLU A 264 -0.38 14.39 -6.22
C GLU A 264 -0.10 14.57 -4.73
N ASN A 265 -0.14 13.45 -4.02
CA ASN A 265 0.15 13.40 -2.59
C ASN A 265 1.23 12.36 -2.34
N ALA A 266 1.95 12.48 -1.22
CA ALA A 266 2.90 11.43 -0.84
C ALA A 266 2.96 11.19 0.66
N LEU A 267 3.28 9.96 1.04
CA LEU A 267 3.53 9.65 2.46
C LEU A 267 4.79 8.83 2.65
N GLU A 268 5.65 9.31 3.53
CA GLU A 268 6.85 8.59 3.91
C GLU A 268 6.61 7.97 5.28
N ILE A 269 6.60 6.65 5.34
CA ILE A 269 6.40 5.90 6.57
C ILE A 269 7.75 5.33 6.98
N THR A 270 8.28 5.77 8.12
CA THR A 270 9.49 5.17 8.67
C THR A 270 9.08 4.19 9.75
N THR A 271 9.49 2.94 9.57
CA THR A 271 9.22 1.89 10.54
C THR A 271 10.51 1.28 11.08
N ASP A 272 10.36 0.36 12.03
CA ASP A 272 11.48 -0.34 12.65
C ASP A 272 12.23 -1.25 11.66
N ILE A 273 11.53 -1.74 10.64
CA ILE A 273 12.10 -2.53 9.55
C ILE A 273 12.65 -1.65 8.39
N GLN A 274 11.91 -0.60 8.01
CA GLN A 274 12.17 0.11 6.75
C GLN A 274 11.57 1.52 6.68
N SER A 275 12.05 2.30 5.72
CA SER A 275 11.43 3.55 5.38
C SER A 275 10.83 3.43 3.98
N ILE A 276 9.52 3.55 3.90
CA ILE A 276 8.83 3.46 2.61
C ILE A 276 8.16 4.80 2.24
N LEU A 277 7.96 5.03 0.94
CA LEU A 277 7.20 6.18 0.47
C LEU A 277 6.18 5.74 -0.54
N ILE A 278 4.95 6.21 -0.37
CA ILE A 278 3.89 6.01 -1.37
C ILE A 278 3.40 7.34 -1.95
N ARG A 279 3.13 7.34 -3.25
CA ARG A 279 2.64 8.54 -3.95
C ARG A 279 1.55 8.25 -4.95
N GLY A 280 0.60 9.18 -5.03
CA GLY A 280 -0.55 9.07 -5.94
C GLY A 280 -1.45 10.29 -5.78
N PRO A 281 -2.53 10.37 -6.59
CA PRO A 281 -3.48 11.51 -6.53
C PRO A 281 -4.06 11.71 -5.13
N GLY A 282 -4.03 12.95 -4.67
CA GLY A 282 -4.57 13.31 -3.37
C GLY A 282 -6.00 13.81 -3.39
N ALA A 283 -6.48 14.18 -4.57
CA ALA A 283 -7.84 14.65 -4.79
C ALA A 283 -8.41 14.12 -6.12
N GLY A 284 -9.67 14.46 -6.41
CA GLY A 284 -10.40 13.90 -7.54
C GLY A 284 -11.53 13.06 -6.96
N PRO A 285 -12.78 13.32 -7.39
CA PRO A 285 -13.91 12.58 -6.81
C PRO A 285 -13.95 11.08 -7.11
N VAL A 286 -13.44 10.67 -8.28
CA VAL A 286 -13.32 9.25 -8.64
C VAL A 286 -12.32 8.57 -7.70
N ASN A 287 -11.20 9.25 -7.45
CA ASN A 287 -10.14 8.78 -6.59
C ASN A 287 -10.64 8.53 -5.16
N ALA A 288 -11.35 9.52 -4.61
CA ALA A 288 -11.90 9.46 -3.26
C ALA A 288 -12.93 8.35 -3.12
N ALA A 289 -13.83 8.28 -4.10
CA ALA A 289 -14.83 7.21 -4.15
C ALA A 289 -14.19 5.81 -4.25
N TYR A 290 -13.03 5.73 -4.93
CA TYR A 290 -12.32 4.47 -5.05
C TYR A 290 -11.72 3.98 -3.73
N GLY A 291 -11.24 4.93 -2.92
CA GLY A 291 -10.85 4.66 -1.54
C GLY A 291 -11.97 3.99 -0.75
N ALA A 292 -13.17 4.56 -0.83
CA ALA A 292 -14.39 4.00 -0.21
C ALA A 292 -14.77 2.63 -0.76
N LEU A 293 -14.66 2.47 -2.08
CA LEU A 293 -14.92 1.18 -2.74
C LEU A 293 -13.90 0.12 -2.34
N SER A 294 -12.63 0.53 -2.21
CA SER A 294 -11.56 -0.39 -1.77
C SER A 294 -11.88 -0.94 -0.38
N ASP A 295 -12.30 -0.05 0.52
CA ASP A 295 -12.76 -0.40 1.85
C ASP A 295 -13.95 -1.34 1.79
N LEU A 296 -14.89 -1.04 0.91
CA LEU A 296 -16.07 -1.90 0.75
C LEU A 296 -15.73 -3.36 0.41
N ILE A 297 -14.88 -3.56 -0.59
CA ILE A 297 -14.51 -4.91 -1.04
C ILE A 297 -13.71 -5.60 0.05
N LEU A 298 -12.78 -4.86 0.67
CA LEU A 298 -12.03 -5.37 1.81
C LEU A 298 -12.91 -5.81 2.97
N LEU A 299 -13.93 -5.01 3.30
CA LEU A 299 -14.94 -5.35 4.30
C LEU A 299 -15.68 -6.63 3.95
N LYS A 300 -16.00 -6.79 2.66
CA LYS A 300 -16.66 -7.97 2.13
C LYS A 300 -15.77 -9.21 2.22
N ARG A 301 -14.47 -9.02 2.06
CA ARG A 301 -13.51 -10.12 2.22
C ARG A 301 -13.19 -10.37 3.70
N ASP A 302 -13.84 -9.62 4.59
CA ASP A 302 -13.57 -9.60 6.02
C ASP A 302 -12.09 -9.24 6.30
N CYS A 303 -11.57 -8.26 5.56
CA CYS A 303 -10.15 -7.87 5.65
C CYS A 303 -9.91 -6.43 6.14
N LEU A 304 -10.87 -5.90 6.89
CA LEU A 304 -10.73 -4.63 7.58
C LEU A 304 -10.51 -4.78 9.09
N MET B 1 -0.27 -23.19 14.46
CA MET B 1 0.03 -23.55 13.05
C MET B 1 1.49 -23.95 12.92
N LYS B 2 1.73 -25.10 12.29
CA LYS B 2 3.09 -25.63 12.19
C LYS B 2 3.77 -25.22 10.89
N LEU B 3 4.92 -24.54 11.02
CA LEU B 3 5.77 -24.19 9.86
C LEU B 3 6.92 -25.17 9.61
N LEU B 4 7.19 -25.40 8.33
CA LEU B 4 8.48 -25.93 7.88
C LEU B 4 9.24 -24.79 7.23
N LEU B 5 10.34 -24.38 7.85
CA LEU B 5 11.23 -23.37 7.28
C LEU B 5 12.26 -23.99 6.33
N PHE B 6 12.11 -23.69 5.05
CA PHE B 6 13.08 -24.09 4.04
C PHE B 6 14.08 -22.98 3.76
N GLY B 7 15.31 -23.19 4.24
CA GLY B 7 16.43 -22.25 4.05
C GLY B 7 16.78 -21.63 5.39
N TYR B 8 18.07 -21.45 5.68
CA TYR B 8 18.50 -20.85 6.95
C TYR B 8 19.78 -20.04 6.82
N GLY B 9 19.91 -19.33 5.69
CA GLY B 9 20.93 -18.31 5.55
C GLY B 9 20.43 -17.09 6.31
N ASN B 10 20.93 -15.92 5.92
CA ASN B 10 20.53 -14.67 6.60
C ASN B 10 19.02 -14.42 6.68
N VAL B 11 18.31 -14.63 5.56
CA VAL B 11 16.86 -14.40 5.52
C VAL B 11 16.11 -15.30 6.53
N GLY B 12 16.41 -16.61 6.52
CA GLY B 12 15.79 -17.56 7.44
C GLY B 12 16.15 -17.34 8.90
N LYS B 13 17.41 -17.02 9.18
CA LYS B 13 17.76 -16.54 10.52
C LYS B 13 16.90 -15.29 10.88
N ALA B 14 16.86 -14.30 9.99
CA ALA B 14 16.06 -13.06 10.27
C ALA B 14 14.57 -13.31 10.48
N PHE B 15 14.00 -14.28 9.77
CA PHE B 15 12.59 -14.69 9.91
C PHE B 15 12.27 -15.32 11.26
N ARG B 16 13.17 -16.18 11.73
CA ARG B 16 12.99 -16.89 13.00
C ARG B 16 13.03 -15.89 14.16
N LYS B 17 13.96 -14.94 14.08
CA LYS B 17 14.09 -13.84 15.03
C LYS B 17 12.83 -12.95 15.05
N LEU B 18 12.34 -12.56 13.86
CA LEU B 18 11.11 -11.75 13.77
C LEU B 18 9.92 -12.47 14.38
N LEU B 19 9.81 -13.77 14.13
CA LEU B 19 8.63 -14.56 14.56
C LEU B 19 8.48 -14.62 16.08
N HIS B 20 9.61 -14.65 16.79
CA HIS B 20 9.60 -14.74 18.24
C HIS B 20 9.57 -13.38 18.95
N GLU B 21 9.68 -12.31 18.16
CA GLU B 21 9.57 -10.92 18.65
C GLU B 21 8.16 -10.49 19.13
N LYS B 22 7.21 -11.43 19.19
CA LYS B 22 5.85 -11.23 19.73
C LYS B 22 5.09 -10.06 19.04
N ARG B 23 5.24 -10.01 17.72
CA ARG B 23 4.81 -8.86 16.91
C ARG B 23 3.30 -8.77 16.64
N SER B 24 2.59 -9.88 16.83
CA SER B 24 1.16 -9.98 16.54
C SER B 24 0.50 -11.14 17.29
N PRO B 25 -0.74 -10.94 17.79
CA PRO B 25 -1.54 -12.01 18.43
C PRO B 25 -1.78 -13.19 17.49
N GLU B 26 -1.85 -12.91 16.18
CA GLU B 26 -1.94 -13.94 15.14
C GLU B 26 -0.78 -14.96 15.17
N LEU B 27 0.38 -14.56 15.72
CA LEU B 27 1.58 -15.39 15.77
C LEU B 27 1.82 -16.10 17.12
N ASN B 28 0.78 -16.16 17.96
CA ASN B 28 0.90 -16.79 19.27
C ASN B 28 0.92 -18.32 19.22
N ASP B 29 0.19 -18.90 18.27
CA ASP B 29 0.06 -20.36 18.12
C ASP B 29 1.00 -20.98 17.05
N VAL B 30 1.94 -20.18 16.54
CA VAL B 30 2.82 -20.60 15.46
C VAL B 30 4.04 -21.28 16.04
N ILE B 31 4.29 -22.50 15.54
CA ILE B 31 5.44 -23.31 15.95
C ILE B 31 6.25 -23.73 14.72
N ILE B 32 7.56 -23.81 14.90
CA ILE B 32 8.47 -24.28 13.85
C ILE B 32 8.67 -25.78 14.03
N GLY B 33 8.03 -26.54 13.14
CA GLY B 33 8.17 -28.00 13.11
C GLY B 33 9.57 -28.47 12.73
N GLY B 34 10.22 -27.70 11.85
CA GLY B 34 11.60 -27.95 11.50
C GLY B 34 12.17 -26.94 10.54
N ILE B 35 13.50 -26.92 10.48
CA ILE B 35 14.26 -26.10 9.57
C ILE B 35 15.15 -27.02 8.72
N VAL B 36 15.09 -26.80 7.40
CA VAL B 36 15.90 -27.55 6.43
C VAL B 36 16.92 -26.63 5.70
N THR B 37 18.15 -27.14 5.56
CA THR B 37 19.21 -26.51 4.77
C THR B 37 19.79 -27.62 3.87
N ARG B 38 20.85 -27.31 3.10
CA ARG B 38 21.57 -28.31 2.32
C ARG B 38 22.36 -29.31 3.17
N ARG B 39 22.54 -29.00 4.46
CA ARG B 39 23.24 -29.90 5.39
C ARG B 39 22.29 -30.86 6.11
N GLY B 40 20.99 -30.63 5.98
CA GLY B 40 20.00 -31.54 6.52
C GLY B 40 18.85 -30.87 7.27
N ILE B 41 18.26 -31.66 8.18
CA ILE B 41 16.99 -31.33 8.82
C ILE B 41 17.18 -31.18 10.34
N MET B 42 16.82 -30.00 10.86
CA MET B 42 16.72 -29.77 12.29
C MET B 42 15.26 -29.73 12.64
N LEU B 43 14.83 -30.62 13.54
CA LEU B 43 13.42 -30.81 13.84
C LEU B 43 12.99 -29.97 15.04
N GLN B 44 13.81 -28.96 15.34
CA GLN B 44 13.77 -28.15 16.54
C GLN B 44 13.80 -26.66 16.19
N ASP B 45 13.26 -25.84 17.10
CA ASP B 45 13.28 -24.40 17.00
C ASP B 45 14.42 -23.89 17.87
N LYS B 46 15.56 -23.58 17.22
CA LYS B 46 16.73 -23.02 17.88
C LYS B 46 17.35 -21.95 16.99
N GLU B 47 18.13 -21.06 17.63
CA GLU B 47 18.87 -20.00 16.96
C GLU B 47 19.95 -20.58 16.04
N ASP B 48 20.72 -21.55 16.52
CA ASP B 48 21.79 -22.16 15.74
C ASP B 48 21.27 -23.37 14.96
N PHE B 49 21.69 -23.49 13.71
CA PHE B 49 21.37 -24.70 12.95
C PHE B 49 22.34 -25.83 13.22
N THR B 50 21.79 -26.95 13.71
CA THR B 50 22.52 -28.20 13.78
C THR B 50 21.58 -29.32 13.30
N PRO B 51 21.99 -30.11 12.28
CA PRO B 51 21.16 -31.19 11.73
C PRO B 51 20.81 -32.30 12.74
N ASP B 52 19.52 -32.61 12.85
CA ASP B 52 19.09 -33.77 13.61
C ASP B 52 19.08 -35.00 12.71
N LEU B 53 18.75 -34.77 11.44
CA LEU B 53 18.65 -35.84 10.45
C LEU B 53 19.29 -35.38 9.14
N GLU B 54 19.83 -36.32 8.39
CA GLU B 54 20.22 -36.08 7.01
C GLU B 54 18.96 -36.20 6.15
N GLY B 55 18.98 -35.57 4.97
CA GLY B 55 17.86 -35.63 4.02
C GLY B 55 17.42 -34.26 3.59
N ASP B 56 16.65 -34.24 2.50
CA ASP B 56 16.34 -33.00 1.78
C ASP B 56 14.98 -32.47 2.22
N VAL B 57 14.52 -31.43 1.53
CA VAL B 57 13.26 -30.76 1.86
C VAL B 57 12.07 -31.74 1.74
N PHE B 58 12.15 -32.71 0.82
CA PHE B 58 11.05 -33.68 0.59
C PHE B 58 10.88 -34.63 1.78
N LYS B 59 11.99 -35.12 2.30
CA LYS B 59 12.00 -35.97 3.49
C LYS B 59 11.49 -35.18 4.71
N ALA B 60 11.95 -33.95 4.88
CA ALA B 60 11.47 -33.01 5.93
C ALA B 60 9.97 -32.74 5.82
N PHE B 61 9.49 -32.46 4.62
CA PHE B 61 8.04 -32.33 4.38
C PHE B 61 7.21 -33.52 4.88
N GLU B 62 7.73 -34.73 4.66
CA GLU B 62 7.08 -35.96 5.02
C GLU B 62 7.16 -36.23 6.53
N LYS B 63 8.31 -35.91 7.11
CA LYS B 63 8.59 -36.15 8.51
C LYS B 63 7.85 -35.19 9.44
N ILE B 64 7.57 -33.97 8.95
CA ILE B 64 7.01 -32.89 9.77
C ILE B 64 5.51 -32.77 9.54
N LYS B 65 5.08 -33.00 8.29
CA LYS B 65 3.69 -32.78 7.86
C LYS B 65 3.15 -31.40 8.28
N PRO B 66 3.82 -30.30 7.85
CA PRO B 66 3.48 -28.96 8.36
C PRO B 66 2.18 -28.37 7.79
N ASP B 67 1.66 -27.34 8.44
CA ASP B 67 0.53 -26.59 7.89
C ASP B 67 0.97 -25.61 6.80
N ILE B 68 2.17 -25.07 6.98
CA ILE B 68 2.72 -24.01 6.11
C ILE B 68 4.20 -24.28 5.85
N ILE B 69 4.58 -24.13 4.58
CA ILE B 69 5.99 -24.11 4.18
C ILE B 69 6.37 -22.66 3.97
N VAL B 70 7.39 -22.22 4.71
CA VAL B 70 8.00 -20.91 4.50
C VAL B 70 9.30 -21.16 3.73
N ASP B 71 9.36 -20.67 2.49
CA ASP B 71 10.53 -20.88 1.64
C ASP B 71 11.36 -19.62 1.57
N VAL B 72 12.51 -19.66 2.24
CA VAL B 72 13.48 -18.57 2.20
C VAL B 72 14.83 -19.06 1.68
N SER B 73 14.80 -20.16 0.92
CA SER B 73 16.04 -20.73 0.35
C SER B 73 16.44 -19.93 -0.88
N SER B 74 17.69 -20.07 -1.34
CA SER B 74 18.18 -19.27 -2.47
C SER B 74 17.61 -19.71 -3.82
N ALA B 75 17.40 -18.73 -4.70
CA ALA B 75 16.72 -18.95 -5.97
C ALA B 75 17.56 -19.88 -6.85
N ASN B 76 16.94 -20.96 -7.28
CA ASN B 76 17.61 -21.81 -8.23
C ASN B 76 17.02 -21.56 -9.62
N TYR B 77 17.63 -20.65 -10.38
CA TYR B 77 17.06 -20.22 -11.67
C TYR B 77 17.24 -21.17 -12.85
N ASN B 78 17.99 -22.26 -12.66
CA ASN B 78 18.05 -23.34 -13.65
C ASN B 78 16.67 -23.91 -13.94
N ASN B 79 15.99 -24.37 -12.88
CA ASN B 79 14.73 -25.10 -13.02
C ASN B 79 13.76 -24.89 -11.85
N GLY B 80 14.14 -24.06 -10.87
CA GLY B 80 13.28 -23.73 -9.71
C GLY B 80 13.17 -24.82 -8.64
N GLU B 81 14.05 -25.82 -8.74
CA GLU B 81 14.01 -27.00 -7.87
C GLU B 81 14.97 -26.88 -6.65
N PRO B 82 14.62 -27.46 -5.50
CA PRO B 82 13.42 -28.32 -5.28
C PRO B 82 12.09 -27.61 -4.98
N SER B 83 12.12 -26.27 -4.86
CA SER B 83 10.94 -25.53 -4.46
C SER B 83 9.70 -25.76 -5.34
N LEU B 84 9.88 -25.80 -6.67
CA LEU B 84 8.74 -25.94 -7.57
C LEU B 84 7.94 -27.25 -7.37
N SER B 85 8.60 -28.39 -7.30
CA SER B 85 7.92 -29.66 -7.01
C SER B 85 7.47 -29.76 -5.54
N LEU B 86 8.26 -29.19 -4.63
CA LEU B 86 7.81 -29.00 -3.25
C LEU B 86 6.47 -28.29 -3.21
N TYR B 87 6.36 -27.15 -3.90
CA TYR B 87 5.09 -26.37 -3.85
C TYR B 87 3.88 -27.16 -4.35
N LYS B 88 4.11 -27.98 -5.40
CA LYS B 88 3.07 -28.80 -6.03
C LYS B 88 2.57 -29.88 -5.05
N GLU B 89 3.50 -30.54 -4.39
CA GLU B 89 3.18 -31.54 -3.36
C GLU B 89 2.49 -30.91 -2.16
N ALA B 90 2.96 -29.72 -1.77
CA ALA B 90 2.35 -28.92 -0.69
C ALA B 90 0.88 -28.58 -0.95
N ILE B 91 0.61 -27.99 -2.12
CA ILE B 91 -0.74 -27.57 -2.51
C ILE B 91 -1.71 -28.75 -2.59
N LYS B 92 -1.22 -29.88 -3.09
CA LYS B 92 -2.03 -31.09 -3.25
C LYS B 92 -2.44 -31.69 -1.90
N ASP B 93 -1.69 -31.36 -0.85
CA ASP B 93 -1.99 -31.76 0.53
C ASP B 93 -2.74 -30.70 1.34
N GLY B 94 -3.09 -29.59 0.70
CA GLY B 94 -3.67 -28.42 1.38
C GLY B 94 -2.72 -27.62 2.26
N VAL B 95 -1.42 -27.72 1.99
CA VAL B 95 -0.38 -26.96 2.72
C VAL B 95 -0.15 -25.62 2.02
N ASN B 96 -0.31 -24.52 2.76
CA ASN B 96 -0.08 -23.16 2.26
C ASN B 96 1.42 -22.92 2.05
N ILE B 97 1.74 -21.97 1.17
CA ILE B 97 3.12 -21.60 0.88
C ILE B 97 3.34 -20.11 1.12
N ILE B 98 4.36 -19.82 1.90
CA ILE B 98 4.91 -18.46 1.98
C ILE B 98 6.34 -18.47 1.46
N THR B 99 6.59 -17.70 0.41
CA THR B 99 7.91 -17.74 -0.23
C THR B 99 8.61 -16.40 -0.41
N THR B 100 9.93 -16.43 -0.35
CA THR B 100 10.78 -15.32 -0.80
C THR B 100 11.65 -15.78 -1.98
N ASN B 101 11.44 -17.01 -2.44
CA ASN B 101 12.25 -17.60 -3.50
C ASN B 101 11.64 -17.28 -4.88
N LYS B 102 12.28 -16.36 -5.61
CA LYS B 102 11.77 -15.86 -6.91
C LYS B 102 11.65 -16.94 -7.98
N ALA B 103 12.63 -17.86 -8.02
CA ALA B 103 12.80 -18.79 -9.10
C ALA B 103 11.57 -19.62 -9.53
N PRO B 104 10.86 -20.29 -8.57
CA PRO B 104 9.71 -21.12 -8.99
C PRO B 104 8.61 -20.33 -9.68
N LEU B 105 8.35 -19.14 -9.14
CA LEU B 105 7.31 -18.25 -9.63
C LEU B 105 7.73 -17.57 -10.95
N ALA B 106 9.01 -17.23 -11.06
CA ALA B 106 9.57 -16.63 -12.26
C ALA B 106 9.61 -17.58 -13.47
N LEU B 107 9.79 -18.88 -13.19
CA LEU B 107 9.85 -19.95 -14.21
C LEU B 107 8.53 -20.66 -14.50
N ALA B 108 7.63 -20.71 -13.52
CA ALA B 108 6.42 -21.53 -13.63
C ALA B 108 5.25 -21.01 -12.79
N PHE B 109 4.93 -19.73 -12.95
CA PHE B 109 3.88 -19.06 -12.17
C PHE B 109 2.52 -19.67 -12.39
N ASN B 110 2.10 -19.75 -13.65
CA ASN B 110 0.77 -20.24 -13.97
C ASN B 110 0.54 -21.67 -13.49
N GLU B 111 1.55 -22.52 -13.66
CA GLU B 111 1.50 -23.90 -13.20
C GLU B 111 1.30 -24.01 -11.67
N ILE B 112 2.06 -23.25 -10.90
CA ILE B 112 1.86 -23.18 -9.44
C ILE B 112 0.46 -22.63 -9.08
N PHE B 113 0.09 -21.49 -9.66
CA PHE B 113 -1.10 -20.76 -9.22
C PHE B 113 -2.43 -21.34 -9.70
N SER B 114 -2.45 -21.93 -10.90
CA SER B 114 -3.62 -22.70 -11.35
C SER B 114 -3.90 -23.85 -10.39
N LEU B 115 -2.86 -24.63 -10.07
CA LEU B 115 -2.97 -25.68 -9.07
C LEU B 115 -3.54 -25.17 -7.74
N ALA B 116 -2.96 -24.09 -7.21
CA ALA B 116 -3.39 -23.50 -5.92
C ALA B 116 -4.84 -23.00 -5.89
N ARG B 117 -5.24 -22.33 -6.98
CA ARG B 117 -6.61 -21.85 -7.16
C ARG B 117 -7.63 -22.99 -7.23
N SER B 118 -7.31 -24.06 -7.96
CA SER B 118 -8.19 -25.22 -8.06
C SER B 118 -8.31 -25.97 -6.74
N LYS B 119 -7.23 -25.99 -5.96
CA LYS B 119 -7.23 -26.64 -4.65
C LYS B 119 -7.60 -25.72 -3.49
N GLY B 120 -7.79 -24.43 -3.77
CA GLY B 120 -8.12 -23.43 -2.73
C GLY B 120 -7.00 -23.09 -1.73
N VAL B 121 -5.75 -23.19 -2.16
CA VAL B 121 -4.62 -22.98 -1.27
C VAL B 121 -4.02 -21.58 -1.52
N LYS B 122 -3.76 -20.85 -0.43
CA LYS B 122 -3.22 -19.49 -0.50
C LYS B 122 -1.70 -19.51 -0.61
N ILE B 123 -1.16 -18.62 -1.44
CA ILE B 123 0.28 -18.43 -1.54
C ILE B 123 0.62 -16.99 -1.16
N GLY B 124 1.48 -16.84 -0.14
CA GLY B 124 2.14 -15.58 0.17
C GLY B 124 3.42 -15.47 -0.63
N PHE B 125 3.59 -14.38 -1.37
CA PHE B 125 4.80 -14.20 -2.20
C PHE B 125 5.37 -12.80 -2.30
N GLN B 126 5.01 -11.96 -1.32
CA GLN B 126 5.42 -10.59 -1.17
C GLN B 126 6.94 -10.44 -1.23
N GLY B 127 7.63 -11.26 -0.44
CA GLY B 127 9.10 -11.22 -0.31
C GLY B 127 9.89 -11.47 -1.59
N THR B 128 9.25 -12.04 -2.61
CA THR B 128 9.89 -12.22 -3.94
C THR B 128 10.13 -10.94 -4.71
N VAL B 129 9.31 -9.91 -4.44
CA VAL B 129 9.46 -8.64 -5.15
C VAL B 129 9.57 -7.51 -4.15
N MET B 130 10.71 -6.83 -4.17
CA MET B 130 10.95 -5.65 -3.32
C MET B 130 10.88 -5.97 -1.83
N SER B 131 11.20 -7.21 -1.48
CA SER B 131 11.38 -7.65 -0.09
C SER B 131 10.21 -7.31 0.85
N GLY B 132 10.38 -6.36 1.77
CA GLY B 132 9.31 -6.02 2.72
C GLY B 132 8.46 -4.81 2.34
N THR B 133 8.80 -4.15 1.22
CA THR B 133 8.04 -3.02 0.66
C THR B 133 6.85 -3.56 -0.16
N PRO B 134 5.61 -3.34 0.34
CA PRO B 134 4.40 -3.89 -0.29
C PRO B 134 4.37 -3.62 -1.79
N SER B 135 4.25 -4.69 -2.55
CA SER B 135 4.27 -4.64 -3.99
C SER B 135 3.15 -5.56 -4.43
N ILE B 136 3.39 -6.87 -4.33
CA ILE B 136 2.35 -7.90 -4.31
C ILE B 136 1.19 -7.51 -3.36
N ASN B 137 1.54 -7.09 -2.15
CA ASN B 137 0.54 -6.79 -1.11
C ASN B 137 -0.06 -5.39 -1.25
N LEU B 138 0.70 -4.46 -1.85
CA LEU B 138 0.08 -3.23 -2.35
C LEU B 138 -1.11 -3.52 -3.30
N TYR B 139 -0.95 -4.41 -4.25
CA TYR B 139 -2.03 -4.68 -5.19
C TYR B 139 -3.22 -5.37 -4.52
N ARG B 140 -2.97 -6.10 -3.41
CA ARG B 140 -4.06 -6.66 -2.57
C ARG B 140 -5.01 -5.59 -2.00
N VAL B 141 -4.47 -4.42 -1.67
CA VAL B 141 -5.29 -3.27 -1.20
C VAL B 141 -5.70 -2.34 -2.34
N LEU B 142 -5.56 -2.84 -3.57
CA LEU B 142 -6.13 -2.15 -4.75
C LEU B 142 -7.20 -2.98 -5.47
N PRO B 143 -8.19 -3.52 -4.73
CA PRO B 143 -9.19 -4.39 -5.40
C PRO B 143 -10.09 -3.66 -6.42
N GLY B 144 -10.60 -4.42 -7.38
CA GLY B 144 -11.52 -3.90 -8.39
C GLY B 144 -10.97 -2.87 -9.35
N SER B 145 -9.64 -2.78 -9.44
CA SER B 145 -8.98 -1.92 -10.42
C SER B 145 -8.16 -2.78 -11.39
N ARG B 146 -8.08 -2.33 -12.64
CA ARG B 146 -7.37 -3.04 -13.69
C ARG B 146 -6.00 -2.44 -13.89
N VAL B 147 -4.96 -3.26 -13.81
CA VAL B 147 -3.58 -2.78 -13.96
C VAL B 147 -3.24 -2.77 -15.45
N ILE B 148 -3.01 -1.57 -15.98
CA ILE B 148 -2.68 -1.36 -17.40
C ILE B 148 -1.17 -1.55 -17.65
N LYS B 149 -0.34 -0.94 -16.81
CA LYS B 149 1.11 -1.08 -16.91
C LYS B 149 1.83 -0.97 -15.57
N ILE B 150 2.95 -1.69 -15.47
CA ILE B 150 3.92 -1.50 -14.38
C ILE B 150 5.29 -1.04 -14.91
N ARG B 151 5.99 -0.28 -14.07
CA ARG B 151 7.32 0.28 -14.34
C ARG B 151 8.10 0.32 -13.05
N GLY B 152 9.41 0.09 -13.12
CA GLY B 152 10.23 0.43 -11.97
C GLY B 152 11.69 0.05 -11.90
N ILE B 153 12.22 0.22 -10.70
CA ILE B 153 13.60 -0.06 -10.38
C ILE B 153 13.54 -1.23 -9.42
N LEU B 154 13.94 -2.39 -9.93
CA LEU B 154 13.75 -3.66 -9.22
C LEU B 154 15.05 -4.32 -8.74
N ASN B 155 16.16 -3.58 -8.84
CA ASN B 155 17.45 -4.04 -8.32
C ASN B 155 18.23 -2.86 -7.73
N GLY B 156 18.41 -2.91 -6.42
CA GLY B 156 19.15 -1.89 -5.67
C GLY B 156 20.58 -1.69 -6.15
N THR B 157 21.29 -2.82 -6.34
CA THR B 157 22.71 -2.82 -6.66
C THR B 157 23.00 -2.05 -7.93
N THR B 158 22.34 -2.47 -9.02
CA THR B 158 22.50 -1.87 -10.33
C THR B 158 22.09 -0.41 -10.32
N ASN B 159 21.03 -0.10 -9.56
CA ASN B 159 20.60 1.29 -9.35
C ASN B 159 21.67 2.15 -8.66
N PHE B 160 22.29 1.60 -7.61
CA PHE B 160 23.34 2.29 -6.86
C PHE B 160 24.57 2.58 -7.73
N ILE B 161 25.01 1.58 -8.49
CA ILE B 161 26.18 1.71 -9.39
C ILE B 161 25.90 2.75 -10.49
N LEU B 162 24.69 2.74 -11.04
CA LEU B 162 24.28 3.74 -12.05
C LEU B 162 24.23 5.16 -11.51
N THR B 163 23.89 5.29 -10.22
CA THR B 163 23.78 6.58 -9.53
C THR B 163 25.11 7.35 -9.57
N LEU B 164 26.20 6.65 -9.25
CA LEU B 164 27.53 7.24 -9.17
C LEU B 164 28.10 7.63 -10.53
N MET B 165 27.74 6.85 -11.56
CA MET B 165 28.20 7.03 -12.94
C MET B 165 27.81 8.38 -13.55
N ASN B 166 26.51 8.70 -13.53
CA ASN B 166 25.99 10.00 -13.97
C ASN B 166 26.52 11.16 -13.12
N LYS B 167 26.67 10.91 -11.82
CA LYS B 167 27.16 11.88 -10.83
C LYS B 167 28.61 12.34 -11.09
N GLY B 168 29.38 11.48 -11.76
CA GLY B 168 30.77 11.77 -12.09
C GLY B 168 31.61 10.51 -12.01
N VAL B 169 31.43 9.76 -10.93
CA VAL B 169 32.19 8.54 -10.64
C VAL B 169 31.83 7.43 -11.65
N SER B 170 32.50 7.45 -12.80
CA SER B 170 32.18 6.58 -13.95
C SER B 170 32.39 5.07 -13.74
N PHE B 171 32.07 4.29 -14.79
CA PHE B 171 31.88 2.83 -14.74
C PHE B 171 32.92 1.99 -13.99
N GLU B 172 34.20 2.30 -14.19
CA GLU B 172 35.31 1.53 -13.61
C GLU B 172 35.33 1.67 -12.08
N GLU B 173 35.34 2.92 -11.61
CA GLU B 173 35.40 3.24 -10.18
C GLU B 173 34.12 2.85 -9.43
N ALA B 174 32.97 3.12 -10.05
CA ALA B 174 31.64 2.82 -9.49
C ALA B 174 31.43 1.32 -9.25
N LEU B 175 31.96 0.51 -10.16
CA LEU B 175 31.99 -0.95 -10.05
C LEU B 175 32.71 -1.37 -8.75
N LYS B 176 33.90 -0.81 -8.54
CA LYS B 176 34.73 -1.09 -7.37
C LYS B 176 34.18 -0.51 -6.07
N GLU B 177 33.55 0.67 -6.16
CA GLU B 177 32.90 1.33 -5.03
C GLU B 177 31.70 0.56 -4.52
N ALA B 178 30.93 -0.01 -5.46
CA ALA B 178 29.79 -0.86 -5.15
C ALA B 178 30.21 -2.06 -4.30
N GLN B 179 31.28 -2.74 -4.72
CA GLN B 179 31.82 -3.92 -4.04
C GLN B 179 32.31 -3.63 -2.62
N ARG B 180 32.76 -2.39 -2.39
CA ARG B 180 33.16 -1.90 -1.06
C ARG B 180 31.99 -1.88 -0.08
N ARG B 181 30.79 -1.56 -0.59
CA ARG B 181 29.56 -1.59 0.19
C ARG B 181 28.97 -3.01 0.28
N GLY B 182 29.76 -4.00 -0.17
CA GLY B 182 29.35 -5.40 -0.18
C GLY B 182 30.39 -6.35 0.39
N ILE B 192 24.32 -7.50 -12.24
CA ILE B 192 24.72 -6.46 -13.20
C ILE B 192 24.15 -6.66 -14.62
N ASN B 193 23.89 -7.92 -14.97
CA ASN B 193 23.32 -8.27 -16.29
C ASN B 193 21.80 -8.03 -16.37
N GLY B 194 21.21 -7.57 -15.26
CA GLY B 194 19.78 -7.28 -15.16
C GLY B 194 18.92 -8.52 -15.05
N PHE B 195 19.48 -9.61 -14.52
CA PHE B 195 18.74 -10.87 -14.38
C PHE B 195 17.73 -10.79 -13.25
N ASP B 196 18.17 -10.23 -12.13
CA ASP B 196 17.40 -10.21 -10.90
C ASP B 196 16.14 -9.37 -11.03
N ALA B 197 16.25 -8.22 -11.68
CA ALA B 197 15.09 -7.41 -12.09
C ALA B 197 14.15 -8.19 -13.00
N ALA B 198 14.71 -9.04 -13.86
CA ALA B 198 13.95 -9.82 -14.84
C ALA B 198 13.00 -10.84 -14.18
N ALA B 199 13.48 -11.53 -13.14
CA ALA B 199 12.66 -12.46 -12.39
C ALA B 199 11.54 -11.70 -11.65
N LYS B 200 11.89 -10.62 -10.97
CA LYS B 200 10.92 -9.77 -10.27
C LYS B 200 9.81 -9.24 -11.20
N ILE B 201 10.18 -8.77 -12.38
CA ILE B 201 9.16 -8.22 -13.29
C ILE B 201 8.24 -9.30 -13.87
N THR B 202 8.78 -10.51 -14.03
CA THR B 202 8.01 -11.67 -14.48
C THR B 202 6.87 -11.98 -13.51
N ILE B 203 7.20 -11.96 -12.20
CA ILE B 203 6.24 -12.28 -11.15
C ILE B 203 5.15 -11.19 -11.11
N LEU B 204 5.58 -9.94 -11.16
CA LEU B 204 4.66 -8.80 -11.14
C LEU B 204 3.70 -8.80 -12.34
N ALA B 205 4.19 -9.24 -13.49
CA ALA B 205 3.40 -9.27 -14.71
C ALA B 205 2.36 -10.40 -14.68
N ASN B 206 2.75 -11.55 -14.14
CA ASN B 206 1.82 -12.66 -13.95
C ASN B 206 0.68 -12.30 -13.01
N PHE B 207 1.02 -11.76 -11.84
CA PHE B 207 0.05 -11.49 -10.79
C PHE B 207 -0.85 -10.27 -11.07
N MET B 208 -0.26 -9.17 -11.52
CA MET B 208 -1.00 -7.92 -11.72
C MET B 208 -1.63 -7.75 -13.11
N ILE B 209 -0.94 -8.18 -14.17
CA ILE B 209 -1.48 -8.01 -15.52
C ILE B 209 -2.24 -9.25 -15.98
N GLY B 210 -1.77 -10.43 -15.60
CA GLY B 210 -2.39 -11.68 -16.03
C GLY B 210 -1.75 -12.26 -17.28
N ASN B 211 -0.69 -11.60 -17.76
CA ASN B 211 0.19 -12.17 -18.79
C ASN B 211 0.88 -13.43 -18.27
N SER B 212 0.71 -14.55 -18.97
CA SER B 212 1.25 -15.84 -18.54
C SER B 212 2.75 -16.04 -18.87
N VAL B 213 3.52 -14.98 -18.62
CA VAL B 213 4.96 -14.87 -18.89
C VAL B 213 5.83 -15.77 -17.97
N THR B 214 6.92 -16.31 -18.53
CA THR B 214 8.03 -16.82 -17.73
C THR B 214 9.29 -15.99 -18.03
N ILE B 215 10.32 -16.16 -17.22
CA ILE B 215 11.59 -15.43 -17.34
C ILE B 215 12.16 -15.37 -18.79
N LYS B 216 11.99 -16.45 -19.54
CA LYS B 216 12.45 -16.56 -20.94
C LYS B 216 11.77 -15.57 -21.89
N ASP B 217 10.62 -15.02 -21.46
CA ASP B 217 9.88 -14.04 -22.26
C ASP B 217 10.38 -12.60 -22.09
N VAL B 218 11.18 -12.35 -21.05
CA VAL B 218 11.67 -11.00 -20.75
C VAL B 218 12.85 -10.68 -21.67
N LYS B 219 12.70 -9.62 -22.46
CA LYS B 219 13.83 -9.06 -23.22
C LYS B 219 14.66 -8.24 -22.24
N PHE B 220 15.78 -8.79 -21.76
CA PHE B 220 16.59 -8.06 -20.77
C PHE B 220 18.05 -7.80 -21.12
N GLU B 221 18.49 -6.58 -20.81
CA GLU B 221 19.89 -6.17 -20.97
C GLU B 221 20.38 -5.39 -19.75
N GLY B 222 21.60 -5.71 -19.31
CA GLY B 222 22.22 -5.06 -18.15
C GLY B 222 23.01 -3.83 -18.53
N ILE B 223 23.80 -3.33 -17.59
CA ILE B 223 24.61 -2.11 -17.77
C ILE B 223 25.82 -2.30 -18.68
N ASN B 224 26.15 -1.24 -19.44
CA ASN B 224 27.33 -1.20 -20.30
C ASN B 224 28.41 -0.24 -19.76
N ARG B 225 29.57 -0.20 -20.41
CA ARG B 225 30.73 0.59 -19.95
C ARG B 225 30.61 2.11 -20.15
N ASP B 226 30.21 2.52 -21.35
CA ASP B 226 30.19 3.92 -21.75
C ASP B 226 28.78 4.38 -22.16
N LEU B 227 27.92 4.53 -21.16
CA LEU B 227 26.53 4.95 -21.33
C LEU B 227 26.45 6.43 -21.70
N PRO B 228 25.95 6.74 -22.92
CA PRO B 228 25.93 8.13 -23.41
C PRO B 228 24.66 8.87 -23.00
N LYS B 232 21.12 10.93 -16.71
CA LYS B 232 20.71 10.01 -15.65
C LYS B 232 20.04 8.77 -16.25
N ILE B 233 20.82 7.68 -16.26
CA ILE B 233 20.38 6.37 -16.75
C ILE B 233 20.00 5.45 -15.57
N LYS B 234 18.87 4.76 -15.72
CA LYS B 234 18.36 3.85 -14.70
C LYS B 234 18.07 2.50 -15.31
N LEU B 235 18.19 1.43 -14.53
CA LEU B 235 17.74 0.11 -14.98
C LEU B 235 16.24 -0.03 -14.75
N ILE B 236 15.50 -0.10 -15.85
CA ILE B 236 14.04 0.01 -15.80
C ILE B 236 13.39 -1.30 -16.22
N ALA B 237 12.56 -1.83 -15.32
CA ALA B 237 11.73 -2.97 -15.66
C ALA B 237 10.31 -2.49 -16.00
N TYR B 238 9.66 -3.17 -16.94
CA TYR B 238 8.39 -2.71 -17.46
C TYR B 238 7.60 -3.90 -17.89
N ALA B 239 6.28 -3.79 -17.73
CA ALA B 239 5.36 -4.80 -18.26
C ALA B 239 4.00 -4.21 -18.61
N ASP B 240 3.38 -4.77 -19.64
CA ASP B 240 1.95 -4.58 -19.89
C ASP B 240 1.33 -5.84 -20.47
N GLU B 241 0.18 -5.71 -21.13
CA GLU B 241 -0.47 -6.86 -21.79
C GLU B 241 0.35 -7.43 -22.95
N LYS B 242 1.18 -6.60 -23.59
CA LYS B 242 1.97 -6.96 -24.77
C LYS B 242 3.39 -7.42 -24.42
N GLU B 243 4.12 -6.60 -23.66
CA GLU B 243 5.56 -6.79 -23.46
C GLU B 243 6.01 -6.81 -22.00
N VAL B 244 7.14 -7.48 -21.77
CA VAL B 244 7.86 -7.46 -20.49
C VAL B 244 9.35 -7.28 -20.81
N TRP B 245 9.99 -6.26 -20.25
CA TRP B 245 11.43 -6.01 -20.51
C TRP B 245 12.20 -5.34 -19.38
N VAL B 246 13.52 -5.42 -19.44
CA VAL B 246 14.44 -4.67 -18.56
C VAL B 246 15.56 -4.05 -19.42
N LYS B 247 15.53 -2.72 -19.57
CA LYS B 247 16.53 -1.96 -20.36
C LYS B 247 17.09 -0.85 -19.47
N PRO B 248 18.41 -0.55 -19.59
CA PRO B 248 18.87 0.71 -18.97
C PRO B 248 18.39 1.88 -19.81
N LEU B 249 17.71 2.84 -19.17
CA LEU B 249 17.13 3.97 -19.87
C LEU B 249 17.55 5.29 -19.26
N PRO B 250 17.94 6.28 -20.12
CA PRO B 250 18.09 7.65 -19.64
C PRO B 250 16.70 8.13 -19.27
N ILE B 251 16.55 8.59 -18.03
CA ILE B 251 15.22 8.88 -17.53
C ILE B 251 14.99 10.40 -17.41
N SER B 252 13.83 10.83 -17.89
CA SER B 252 13.43 12.24 -17.92
C SER B 252 13.33 12.84 -16.51
N GLN B 253 13.66 14.13 -16.40
CA GLN B 253 13.56 14.88 -15.14
C GLN B 253 12.13 14.97 -14.59
N ASP B 254 11.15 14.79 -15.48
CA ASP B 254 9.72 14.75 -15.12
C ASP B 254 9.23 13.44 -14.50
N ASP B 255 10.07 12.41 -14.53
CA ASP B 255 9.76 11.08 -14.00
C ASP B 255 9.78 11.10 -12.48
N PRO B 256 8.80 10.44 -11.83
CA PRO B 256 8.84 10.27 -10.38
C PRO B 256 9.89 9.22 -9.94
N LEU B 257 10.49 8.53 -10.91
CA LEU B 257 11.59 7.60 -10.67
C LEU B 257 12.97 8.28 -10.71
N TYR B 258 13.02 9.48 -11.28
CA TYR B 258 14.26 10.28 -11.46
C TYR B 258 15.05 10.44 -10.17
N ASN B 259 14.33 10.73 -9.08
CA ASN B 259 14.93 10.88 -7.76
C ASN B 259 15.13 9.55 -6.99
N VAL B 260 14.79 8.41 -7.59
CA VAL B 260 14.97 7.10 -6.92
C VAL B 260 16.40 6.60 -7.13
N ASP B 261 17.26 6.96 -6.18
CA ASP B 261 18.70 6.71 -6.23
C ASP B 261 19.12 5.82 -5.06
N GLY B 262 20.38 5.38 -5.07
CA GLY B 262 20.90 4.50 -4.02
C GLY B 262 20.44 3.05 -4.09
N VAL B 263 20.43 2.41 -2.92
CA VAL B 263 20.10 0.99 -2.77
C VAL B 263 18.58 0.78 -2.56
N GLU B 264 17.82 1.31 -3.52
CA GLU B 264 16.37 1.46 -3.40
C GLU B 264 15.63 0.81 -4.54
N ASN B 265 14.44 0.30 -4.23
CA ASN B 265 13.50 -0.16 -5.24
C ASN B 265 12.35 0.84 -5.33
N ALA B 266 11.71 0.93 -6.48
CA ALA B 266 10.45 1.64 -6.63
C ALA B 266 9.58 1.00 -7.72
N LEU B 267 8.26 1.11 -7.57
CA LEU B 267 7.32 0.49 -8.48
C LEU B 267 6.15 1.43 -8.77
N GLU B 268 5.88 1.63 -10.06
CA GLU B 268 4.79 2.46 -10.51
C GLU B 268 3.71 1.55 -11.07
N ILE B 269 2.59 1.47 -10.37
CA ILE B 269 1.43 0.71 -10.78
C ILE B 269 0.45 1.70 -11.43
N THR B 270 0.09 1.44 -12.68
CA THR B 270 -0.86 2.27 -13.40
C THR B 270 -2.14 1.49 -13.62
N THR B 271 -3.21 1.95 -12.99
CA THR B 271 -4.51 1.33 -13.19
C THR B 271 -5.42 2.23 -14.02
N ASP B 272 -6.62 1.73 -14.31
CA ASP B 272 -7.67 2.50 -14.97
C ASP B 272 -8.10 3.74 -14.17
N ILE B 273 -8.01 3.66 -12.84
CA ILE B 273 -8.34 4.78 -11.95
C ILE B 273 -7.19 5.77 -11.80
N GLN B 274 -5.99 5.26 -11.59
CA GLN B 274 -4.89 6.08 -11.07
C GLN B 274 -3.52 5.46 -11.31
N SER B 275 -2.50 6.30 -11.15
CA SER B 275 -1.13 5.91 -11.24
C SER B 275 -0.54 6.12 -9.86
N ILE B 276 -0.09 5.04 -9.23
CA ILE B 276 0.58 5.15 -7.94
C ILE B 276 1.98 4.59 -8.01
N LEU B 277 2.86 5.08 -7.13
CA LEU B 277 4.20 4.56 -7.02
C LEU B 277 4.55 4.35 -5.55
N ILE B 278 5.15 3.20 -5.27
CA ILE B 278 5.75 2.89 -3.97
C ILE B 278 7.26 2.70 -4.11
N ARG B 279 8.02 3.22 -3.14
CA ARG B 279 9.46 3.04 -3.07
C ARG B 279 9.94 2.66 -1.67
N GLY B 280 10.91 1.74 -1.61
CA GLY B 280 11.52 1.33 -0.36
C GLY B 280 12.93 0.84 -0.58
N PRO B 281 13.60 0.33 0.49
CA PRO B 281 14.94 -0.29 0.37
C PRO B 281 14.89 -1.56 -0.49
N GLY B 282 15.90 -1.75 -1.32
CA GLY B 282 15.90 -2.84 -2.29
C GLY B 282 15.60 -4.24 -1.76
N ALA B 283 16.61 -4.82 -1.13
CA ALA B 283 16.61 -6.21 -0.72
C ALA B 283 17.60 -6.38 0.40
N GLY B 284 17.19 -7.07 1.46
CA GLY B 284 18.03 -7.29 2.64
C GLY B 284 17.44 -8.45 3.43
N PRO B 285 18.25 -9.06 4.32
CA PRO B 285 17.76 -10.25 5.04
C PRO B 285 16.57 -10.01 5.96
N VAL B 286 16.57 -8.90 6.69
CA VAL B 286 15.46 -8.57 7.60
C VAL B 286 14.21 -8.14 6.82
N ASN B 287 14.40 -7.24 5.85
CA ASN B 287 13.38 -6.81 4.89
C ASN B 287 12.70 -7.99 4.21
N ALA B 288 13.51 -8.87 3.62
CA ALA B 288 12.99 -10.07 2.94
C ALA B 288 12.20 -10.96 3.90
N ALA B 289 12.76 -11.22 5.08
CA ALA B 289 12.10 -11.98 6.12
C ALA B 289 10.80 -11.30 6.59
N TYR B 290 10.80 -9.97 6.64
CA TYR B 290 9.59 -9.23 7.00
C TYR B 290 8.43 -9.40 5.99
N GLY B 291 8.75 -9.45 4.69
CA GLY B 291 7.77 -9.78 3.66
C GLY B 291 7.08 -11.12 3.89
N ALA B 292 7.86 -12.17 4.17
CA ALA B 292 7.32 -13.48 4.56
C ALA B 292 6.48 -13.39 5.83
N LEU B 293 6.97 -12.69 6.84
CA LEU B 293 6.22 -12.47 8.09
C LEU B 293 4.89 -11.72 7.90
N SER B 294 4.91 -10.69 7.05
CA SER B 294 3.67 -9.96 6.69
C SER B 294 2.62 -10.89 6.08
N ASP B 295 3.07 -11.74 5.16
CA ASP B 295 2.23 -12.73 4.49
C ASP B 295 1.67 -13.73 5.48
N LEU B 296 2.51 -14.13 6.45
CA LEU B 296 2.09 -15.05 7.51
C LEU B 296 0.92 -14.49 8.31
N ILE B 297 1.09 -13.28 8.83
CA ILE B 297 0.02 -12.57 9.54
C ILE B 297 -1.21 -12.40 8.61
N LEU B 298 -1.00 -11.91 7.38
CA LEU B 298 -2.11 -11.81 6.40
C LEU B 298 -2.88 -13.09 6.18
N LEU B 299 -2.15 -14.19 5.96
CA LEU B 299 -2.70 -15.55 5.91
C LEU B 299 -3.46 -15.98 7.16
N LYS B 300 -2.88 -15.75 8.34
CA LYS B 300 -3.59 -15.99 9.60
C LYS B 300 -4.92 -15.22 9.67
N ARG B 301 -4.91 -13.98 9.18
CA ARG B 301 -6.13 -13.16 9.10
C ARG B 301 -7.08 -13.58 7.97
N ASP B 302 -6.61 -14.50 7.12
CA ASP B 302 -7.33 -15.00 5.94
C ASP B 302 -7.45 -13.94 4.82
N CYS B 303 -6.40 -13.14 4.67
CA CYS B 303 -6.41 -12.01 3.74
C CYS B 303 -5.40 -12.13 2.61
N LEU B 304 -5.23 -13.36 2.12
CA LEU B 304 -4.41 -13.64 0.94
C LEU B 304 -5.25 -14.21 -0.20
MG MG C . -35.25 1.62 -2.08
MG MG D . -18.95 16.31 20.73
#